data_8ZMS
#
_entry.id   8ZMS
#
_cell.length_a   1.00
_cell.length_b   1.00
_cell.length_c   1.00
_cell.angle_alpha   90.00
_cell.angle_beta   90.00
_cell.angle_gamma   90.00
#
_symmetry.space_group_name_H-M   'P 1'
#
loop_
_entity.id
_entity.type
_entity.pdbx_description
1 polymer 'Maltose/maltodextrin-binding periplasmic protein,Vesicular acetylcholine transporter,DARPinoff7'
2 non-polymer ACETYLCHOLINE
#
_entity_poly.entity_id   1
_entity_poly.type   'polypeptide(L)'
_entity_poly.pdbx_seq_one_letter_code
;MEEGKLVIWINGDKGYNGLAEVGKKFEKDTGIKVTVEHPDKLEEKFPQVAATGDGPDIIFWAHDRFGGYAQSGLLAEITP
DKAFQDKLYPFTWDAVRYNGKLIAYPIAVEALSLIYNKDLLPNPPKTWEEIPALDKELKAKGKSALMFNLQEPYFTWPLI
AADGGYAFKYENGKYDIKDVGVDNAGAKAGLTFLIDLIKNKHMNADTDYSIAEAAFNKGETAMTINGPWAWSNIDTSKVN
YGVTVLPTFKGQPSKPFVGVLSAGINAASPNKELAKEFLENYLLTDEGLEAVNKDKPLGAVALKSYEEELVKDPRVAATM
ENAQKGEIMPNIPQMSAFWYAVRTAVINAASGRQTVDAALAAAQAEEEKRKAEEEKRKLVLVIVCVALLLDNMLYMVIVP
IVPDYIAHMRGGGEGPTRTPEVWEPTLPLPTPANASAYTANTSASPTAAWPAGSALRPRYPTESEDVKIGVLFASKAILQ
LLVNPLSGPFIDRMSYDVPLLIGLGVMFASTVLFAFAEDYATLFAARSLQGLGSAFADTSGIAMIADKYPEEPERSRALG
VALAFISFGSLVAPPFGGILYEFAGKRVPFLVLAAVSLFDALLLLAVAKPFSAAARARANLPVGTPIHRLMLDPYIAVVA
GALTTCNIPLAFLEPTIATWMKHTMAASEWEMGMAWLPAFVPHVLGVYLTVRLAARYPHLQWLYGALGLAVIGASSCIVP
ACRSFAPLVVSLCGLCFGIALVDTALLPTLAFLVDVRHVSVYGSVYAIADISYSVAYALGPIVAGHIVHSLGFEQLSLGM
GLANLLYAPVLLLLRNVGLLTRSRSERDVLLDEPPQGLYDAVRLRERPVSGQDGEPRSPPGPFDECEDDGGGGSGGGGSD
LGRKLLEAARAGQLDEVRILLANGADVNAADNTGTTPLHLAAYSGHLEIVEVLLKHGADVDASDVFGYTPLHLAAYWGHL
EIVEVLLKNGADVNAMDSDGMTPLHLAAKWGYLEIVEVLLKHGADVNAQDKFGKTAFDISIDNGNEDLAEILQKLNLEGG
SLEVLFQ
;
_entity_poly.pdbx_strand_id   A
#
loop_
_chem_comp.id
_chem_comp.type
_chem_comp.name
_chem_comp.formula
ACH non-polymer ACETYLCHOLINE 'C7 H16 N O2 1'
#
# COMPACT_ATOMS: atom_id res chain seq x y z
N ALA A 365 -18.64 -14.82 34.28
CA ALA A 365 -18.98 -13.50 34.80
C ALA A 365 -18.37 -12.40 33.93
N GLU A 366 -17.07 -12.19 34.09
CA GLU A 366 -16.37 -11.19 33.29
C GLU A 366 -15.66 -11.81 32.09
N GLU A 367 -15.16 -13.04 32.26
CA GLU A 367 -14.32 -13.66 31.25
C GLU A 367 -15.12 -14.06 30.02
N GLU A 368 -16.44 -14.27 30.18
CA GLU A 368 -17.33 -14.44 29.04
C GLU A 368 -17.32 -13.20 28.14
N LYS A 369 -17.49 -12.03 28.74
CA LYS A 369 -17.48 -10.80 27.95
C LYS A 369 -16.10 -10.48 27.42
N ARG A 370 -15.05 -10.88 28.15
CA ARG A 370 -13.69 -10.67 27.65
C ARG A 370 -13.39 -11.53 26.43
N LYS A 371 -13.79 -12.80 26.46
CA LYS A 371 -13.60 -13.67 25.29
C LYS A 371 -14.50 -13.26 24.13
N ALA A 372 -15.69 -12.73 24.42
CA ALA A 372 -16.53 -12.20 23.35
C ALA A 372 -15.90 -10.97 22.72
N GLU A 373 -15.28 -10.10 23.52
CA GLU A 373 -14.60 -8.93 22.98
C GLU A 373 -13.35 -9.32 22.20
N GLU A 374 -12.66 -10.39 22.62
CA GLU A 374 -11.54 -10.89 21.83
C GLU A 374 -11.99 -11.46 20.49
N GLU A 375 -13.14 -12.15 20.46
CA GLU A 375 -13.69 -12.62 19.20
C GLU A 375 -14.09 -11.46 18.30
N LYS A 376 -14.71 -10.43 18.87
CA LYS A 376 -15.07 -9.25 18.10
C LYS A 376 -13.84 -8.46 17.62
N ARG A 377 -12.71 -8.59 18.31
CA ARG A 377 -11.48 -7.97 17.84
C ARG A 377 -10.87 -8.74 16.67
N LYS A 378 -10.67 -10.05 16.85
CA LYS A 378 -10.05 -10.87 15.81
C LYS A 378 -10.92 -10.97 14.56
N LEU A 379 -12.25 -10.88 14.72
CA LEU A 379 -13.12 -11.01 13.57
C LEU A 379 -13.03 -9.78 12.67
N VAL A 380 -13.02 -8.59 13.26
CA VAL A 380 -12.89 -7.40 12.42
C VAL A 380 -11.47 -7.27 11.88
N LEU A 381 -10.48 -7.84 12.59
CA LEU A 381 -9.12 -7.88 12.04
C LEU A 381 -9.07 -8.72 10.76
N VAL A 382 -9.67 -9.93 10.80
CA VAL A 382 -9.67 -10.80 9.63
C VAL A 382 -10.50 -10.21 8.49
N ILE A 383 -11.63 -9.55 8.83
CA ILE A 383 -12.48 -8.96 7.80
C ILE A 383 -11.79 -7.79 7.10
N VAL A 384 -11.16 -6.89 7.87
CA VAL A 384 -10.48 -5.76 7.24
C VAL A 384 -9.24 -6.22 6.45
N CYS A 385 -8.56 -7.28 6.91
CA CYS A 385 -7.43 -7.79 6.16
C CYS A 385 -7.86 -8.44 4.83
N VAL A 386 -8.98 -9.17 4.84
CA VAL A 386 -9.50 -9.73 3.59
C VAL A 386 -9.97 -8.63 2.64
N ALA A 387 -10.54 -7.55 3.19
CA ALA A 387 -10.92 -6.42 2.36
C ALA A 387 -9.71 -5.74 1.72
N LEU A 388 -8.61 -5.61 2.47
CA LEU A 388 -7.39 -5.04 1.91
C LEU A 388 -6.77 -5.96 0.86
N LEU A 389 -6.87 -7.28 1.06
CA LEU A 389 -6.37 -8.23 0.06
C LEU A 389 -7.13 -8.08 -1.25
N LEU A 390 -8.46 -8.03 -1.18
CA LEU A 390 -9.25 -7.86 -2.40
C LEU A 390 -9.01 -6.50 -3.05
N ASP A 391 -8.75 -5.48 -2.24
CA ASP A 391 -8.43 -4.15 -2.75
C ASP A 391 -7.13 -4.13 -3.55
N ASN A 392 -6.08 -4.76 -3.02
CA ASN A 392 -4.81 -4.78 -3.76
C ASN A 392 -4.85 -5.73 -4.95
N MET A 393 -5.61 -6.83 -4.85
CA MET A 393 -5.94 -7.65 -6.02
C MET A 393 -6.55 -6.81 -7.13
N LEU A 394 -7.55 -5.99 -6.80
CA LEU A 394 -8.19 -5.14 -7.80
C LEU A 394 -7.25 -4.06 -8.31
N TYR A 395 -6.27 -3.64 -7.53
CA TYR A 395 -5.32 -2.66 -8.07
C TYR A 395 -4.37 -3.31 -9.07
N MET A 396 -3.87 -4.49 -8.77
CA MET A 396 -2.80 -5.07 -9.58
C MET A 396 -3.28 -5.99 -10.69
N VAL A 397 -4.58 -6.31 -10.76
CA VAL A 397 -5.06 -7.18 -11.82
C VAL A 397 -5.58 -6.38 -13.02
N ILE A 398 -5.86 -5.08 -12.87
CA ILE A 398 -6.45 -4.33 -13.96
C ILE A 398 -5.40 -3.84 -14.95
N VAL A 399 -4.21 -3.49 -14.46
CA VAL A 399 -3.13 -2.90 -15.25
C VAL A 399 -2.66 -3.71 -16.49
N PRO A 400 -2.73 -5.04 -16.59
CA PRO A 400 -2.44 -5.64 -17.90
C PRO A 400 -3.65 -5.82 -18.80
N ILE A 401 -4.82 -5.26 -18.47
CA ILE A 401 -6.03 -5.45 -19.24
C ILE A 401 -6.40 -4.18 -20.02
N VAL A 402 -6.15 -3.01 -19.42
CA VAL A 402 -6.46 -1.74 -20.10
C VAL A 402 -5.69 -1.53 -21.40
N PRO A 403 -4.37 -1.84 -21.52
CA PRO A 403 -3.74 -1.72 -22.84
C PRO A 403 -4.25 -2.70 -23.90
N ASP A 404 -4.92 -3.79 -23.51
CA ASP A 404 -5.55 -4.63 -24.51
C ASP A 404 -6.80 -4.00 -25.12
N TYR A 405 -7.38 -2.99 -24.45
CA TYR A 405 -8.65 -2.43 -24.88
C TYR A 405 -8.52 -0.95 -25.20
N ILE A 406 -7.49 -0.59 -25.98
CA ILE A 406 -7.36 0.78 -26.44
C ILE A 406 -8.50 1.13 -27.40
N ALA A 407 -8.62 0.38 -28.49
CA ALA A 407 -9.67 0.61 -29.48
C ALA A 407 -10.06 -0.69 -30.18
N VAL A 467 0.99 7.57 -23.09
CA VAL A 467 0.87 8.78 -22.27
C VAL A 467 -0.50 8.84 -21.63
N LYS A 468 -1.55 8.58 -22.43
CA LYS A 468 -2.91 8.65 -21.93
C LYS A 468 -3.22 7.49 -20.99
N ILE A 469 -2.53 6.36 -21.14
CA ILE A 469 -2.63 5.28 -20.18
C ILE A 469 -1.99 5.71 -18.86
N GLY A 470 -0.89 6.45 -18.93
CA GLY A 470 -0.34 7.08 -17.74
C GLY A 470 -1.27 8.11 -17.16
N VAL A 471 -2.02 8.82 -18.01
CA VAL A 471 -3.04 9.75 -17.53
C VAL A 471 -4.12 9.00 -16.77
N LEU A 472 -4.45 7.79 -17.21
CA LEU A 472 -5.41 6.94 -16.51
C LEU A 472 -4.93 6.56 -15.11
N PHE A 473 -3.72 6.00 -15.02
CA PHE A 473 -3.25 5.51 -13.72
C PHE A 473 -2.90 6.67 -12.77
N ALA A 474 -2.27 7.72 -13.29
CA ALA A 474 -2.02 8.89 -12.48
C ALA A 474 -3.29 9.67 -12.18
N SER A 475 -4.37 9.44 -12.93
CA SER A 475 -5.65 10.06 -12.59
C SER A 475 -6.27 9.36 -11.39
N LYS A 476 -6.14 8.03 -11.33
CA LYS A 476 -6.48 7.30 -10.11
C LYS A 476 -5.72 7.84 -8.91
N ALA A 477 -4.40 7.92 -9.06
CA ALA A 477 -3.58 8.34 -7.92
C ALA A 477 -3.79 9.82 -7.59
N ILE A 478 -4.11 10.66 -8.57
CA ILE A 478 -4.29 12.08 -8.27
C ILE A 478 -5.68 12.31 -7.68
N LEU A 479 -6.67 11.45 -7.99
CA LEU A 479 -7.94 11.59 -7.31
C LEU A 479 -7.84 11.09 -5.87
N GLN A 480 -7.05 10.03 -5.65
CA GLN A 480 -6.76 9.62 -4.28
C GLN A 480 -5.98 10.69 -3.52
N LEU A 481 -5.14 11.44 -4.22
CA LEU A 481 -4.43 12.54 -3.58
C LEU A 481 -5.38 13.69 -3.24
N LEU A 482 -6.31 14.01 -4.13
CA LEU A 482 -7.18 15.16 -3.90
C LEU A 482 -8.31 14.88 -2.92
N VAL A 483 -8.70 13.62 -2.73
CA VAL A 483 -9.80 13.36 -1.78
C VAL A 483 -9.29 13.37 -0.33
N ASN A 484 -8.05 12.92 -0.11
CA ASN A 484 -7.60 12.61 1.24
C ASN A 484 -7.49 13.80 2.22
N PRO A 485 -7.04 15.01 1.86
CA PRO A 485 -7.22 16.12 2.81
C PRO A 485 -8.67 16.50 3.01
N LEU A 486 -9.51 16.36 1.99
CA LEU A 486 -10.93 16.60 2.16
C LEU A 486 -11.59 15.47 2.94
N SER A 487 -11.00 14.29 2.96
CA SER A 487 -11.59 13.15 3.66
C SER A 487 -11.05 12.96 5.07
N GLY A 488 -9.92 13.58 5.40
CA GLY A 488 -9.36 13.55 6.73
C GLY A 488 -10.30 13.93 7.87
N PRO A 489 -10.93 15.11 7.76
CA PRO A 489 -12.02 15.43 8.71
C PRO A 489 -13.21 14.49 8.66
N PHE A 490 -13.41 13.70 7.61
CA PHE A 490 -14.53 12.77 7.65
C PHE A 490 -14.25 11.56 8.53
N ILE A 491 -13.00 11.09 8.59
CA ILE A 491 -12.69 10.02 9.54
C ILE A 491 -12.39 10.58 10.92
N ASP A 492 -11.93 11.84 11.01
CA ASP A 492 -11.77 12.46 12.33
C ASP A 492 -13.12 12.73 13.00
N ARG A 493 -13.99 13.49 12.32
CA ARG A 493 -15.24 13.96 12.91
C ARG A 493 -16.27 12.86 13.11
N MET A 494 -16.14 11.74 12.40
CA MET A 494 -17.10 10.65 12.58
C MET A 494 -16.39 9.34 12.90
N SER A 495 -17.16 8.24 12.91
CA SER A 495 -16.64 6.94 13.31
C SER A 495 -15.86 6.26 12.20
N TYR A 496 -15.62 4.96 12.33
CA TYR A 496 -14.81 4.22 11.36
C TYR A 496 -15.61 3.23 10.54
N ASP A 497 -16.71 2.70 11.10
CA ASP A 497 -17.52 1.71 10.41
C ASP A 497 -18.24 2.33 9.21
N VAL A 498 -18.69 3.57 9.36
CA VAL A 498 -19.36 4.26 8.24
C VAL A 498 -18.42 4.55 7.08
N PRO A 499 -17.20 5.10 7.26
CA PRO A 499 -16.30 5.22 6.10
C PRO A 499 -15.78 3.90 5.58
N LEU A 500 -15.65 2.86 6.42
CA LEU A 500 -15.26 1.55 5.88
C LEU A 500 -16.35 0.97 4.99
N LEU A 501 -17.62 1.14 5.39
CA LEU A 501 -18.73 0.68 4.57
C LEU A 501 -18.83 1.48 3.28
N ILE A 502 -18.64 2.80 3.36
CA ILE A 502 -18.63 3.64 2.14
C ILE A 502 -17.49 3.24 1.21
N GLY A 503 -16.33 2.90 1.78
CA GLY A 503 -15.19 2.51 0.95
C GLY A 503 -15.41 1.20 0.22
N LEU A 504 -15.89 0.18 0.93
CA LEU A 504 -16.17 -1.08 0.27
C LEU A 504 -17.35 -0.98 -0.69
N GLY A 505 -18.31 -0.09 -0.43
CA GLY A 505 -19.41 0.09 -1.38
C GLY A 505 -18.99 0.78 -2.66
N VAL A 506 -18.15 1.82 -2.54
CA VAL A 506 -17.62 2.48 -3.72
C VAL A 506 -16.69 1.55 -4.50
N MET A 507 -15.95 0.70 -3.78
CA MET A 507 -15.08 -0.27 -4.46
C MET A 507 -15.90 -1.34 -5.18
N PHE A 508 -17.02 -1.76 -4.58
CA PHE A 508 -17.94 -2.68 -5.26
C PHE A 508 -18.53 -2.05 -6.52
N ALA A 509 -18.95 -0.79 -6.43
CA ALA A 509 -19.51 -0.11 -7.59
C ALA A 509 -18.47 0.06 -8.69
N SER A 510 -17.22 0.31 -8.29
CA SER A 510 -16.14 0.43 -9.26
C SER A 510 -15.84 -0.90 -9.94
N THR A 511 -15.88 -2.00 -9.19
CA THR A 511 -15.59 -3.30 -9.78
C THR A 511 -16.72 -3.75 -10.71
N VAL A 512 -17.97 -3.46 -10.35
CA VAL A 512 -19.10 -3.72 -11.24
C VAL A 512 -19.00 -2.85 -12.49
N LEU A 513 -18.47 -1.63 -12.36
CA LEU A 513 -18.26 -0.81 -13.55
C LEU A 513 -17.12 -1.34 -14.41
N PHE A 514 -16.08 -1.93 -13.80
CA PHE A 514 -15.05 -2.61 -14.56
C PHE A 514 -15.53 -3.91 -15.20
N ALA A 515 -16.63 -4.48 -14.70
CA ALA A 515 -17.11 -5.75 -15.24
C ALA A 515 -17.62 -5.61 -16.67
N PHE A 516 -18.28 -4.51 -16.98
CA PHE A 516 -18.72 -4.21 -18.34
C PHE A 516 -18.20 -2.83 -18.73
N ALA A 517 -16.91 -2.61 -18.51
CA ALA A 517 -16.25 -1.41 -18.99
C ALA A 517 -15.87 -1.62 -20.45
N GLU A 518 -16.46 -0.81 -21.34
CA GLU A 518 -16.28 -0.98 -22.78
C GLU A 518 -15.45 0.13 -23.40
N ASP A 519 -15.87 1.38 -23.24
CA ASP A 519 -15.17 2.49 -23.87
C ASP A 519 -14.01 2.95 -23.00
N TYR A 520 -13.26 3.94 -23.48
CA TYR A 520 -12.14 4.46 -22.72
C TYR A 520 -12.60 5.28 -21.52
N ALA A 521 -13.68 6.04 -21.68
CA ALA A 521 -14.22 6.84 -20.58
C ALA A 521 -14.81 5.96 -19.50
N THR A 522 -15.30 4.77 -19.85
CA THR A 522 -15.77 3.83 -18.85
C THR A 522 -14.64 3.35 -17.96
N LEU A 523 -13.51 2.96 -18.57
CA LEU A 523 -12.33 2.59 -17.79
C LEU A 523 -11.82 3.76 -16.97
N PHE A 524 -11.92 4.99 -17.51
CA PHE A 524 -11.42 6.16 -16.80
C PHE A 524 -12.25 6.46 -15.55
N ALA A 525 -13.57 6.48 -15.69
CA ALA A 525 -14.44 6.72 -14.55
C ALA A 525 -14.37 5.58 -13.54
N ALA A 526 -14.20 4.34 -14.02
CA ALA A 526 -14.09 3.22 -13.09
C ALA A 526 -12.79 3.26 -12.30
N ARG A 527 -11.70 3.67 -12.94
CA ARG A 527 -10.41 3.76 -12.25
C ARG A 527 -10.41 4.93 -11.26
N SER A 528 -11.06 6.03 -11.61
CA SER A 528 -11.17 7.15 -10.67
C SER A 528 -12.06 6.80 -9.48
N LEU A 529 -13.14 6.05 -9.71
CA LEU A 529 -13.96 5.59 -8.58
C LEU A 529 -13.22 4.55 -7.75
N GLN A 530 -12.29 3.81 -8.36
CA GLN A 530 -11.45 2.90 -7.58
C GLN A 530 -10.51 3.68 -6.68
N GLY A 531 -10.02 4.83 -7.16
CA GLY A 531 -9.24 5.71 -6.28
C GLY A 531 -10.06 6.33 -5.17
N LEU A 532 -11.32 6.67 -5.46
CA LEU A 532 -12.22 7.18 -4.42
C LEU A 532 -12.47 6.12 -3.35
N GLY A 533 -12.70 4.88 -3.78
CA GLY A 533 -12.84 3.78 -2.85
C GLY A 533 -11.58 3.49 -2.07
N SER A 534 -10.42 3.75 -2.67
CA SER A 534 -9.15 3.68 -1.95
C SER A 534 -9.12 4.66 -0.81
N ALA A 535 -9.45 5.93 -1.11
CA ALA A 535 -9.41 6.99 -0.11
C ALA A 535 -10.40 6.76 1.03
N PHE A 536 -11.56 6.19 0.73
CA PHE A 536 -12.50 5.92 1.81
C PHE A 536 -12.31 4.56 2.49
N ALA A 537 -11.58 3.63 1.89
CA ALA A 537 -11.48 2.29 2.45
C ALA A 537 -10.17 2.02 3.15
N ASP A 538 -9.03 2.26 2.48
CA ASP A 538 -7.75 1.76 2.98
C ASP A 538 -7.29 2.52 4.21
N THR A 539 -7.44 3.85 4.19
CA THR A 539 -7.05 4.68 5.32
C THR A 539 -7.89 4.38 6.55
N SER A 540 -9.20 4.25 6.38
CA SER A 540 -10.06 3.93 7.51
C SER A 540 -9.84 2.51 8.00
N GLY A 541 -9.45 1.59 7.11
CA GLY A 541 -9.17 0.23 7.55
C GLY A 541 -7.90 0.13 8.38
N ILE A 542 -6.82 0.79 7.92
CA ILE A 542 -5.58 0.81 8.69
C ILE A 542 -5.76 1.61 9.98
N ALA A 543 -6.68 2.59 9.98
CA ALA A 543 -7.00 3.27 11.22
C ALA A 543 -7.74 2.37 12.20
N MET A 544 -8.70 1.58 11.70
CA MET A 544 -9.48 0.70 12.56
C MET A 544 -8.62 -0.43 13.14
N ILE A 545 -7.65 -0.93 12.38
CA ILE A 545 -6.73 -1.92 12.92
C ILE A 545 -5.84 -1.29 13.99
N ALA A 546 -5.45 -0.03 13.80
CA ALA A 546 -4.62 0.66 14.77
C ALA A 546 -5.45 1.36 15.85
N ASP A 547 -6.77 1.24 15.83
CA ASP A 547 -7.60 1.82 16.88
C ASP A 547 -7.90 0.85 18.00
N LYS A 548 -8.23 -0.40 17.66
CA LYS A 548 -8.58 -1.40 18.65
C LYS A 548 -7.38 -2.14 19.20
N TYR A 549 -6.20 -1.52 19.14
CA TYR A 549 -4.98 -2.04 19.77
C TYR A 549 -4.20 -0.87 20.35
N PRO A 550 -4.59 -0.38 21.54
CA PRO A 550 -3.87 0.76 22.12
C PRO A 550 -2.67 0.35 22.96
N GLU A 551 -1.85 -0.58 22.47
CA GLU A 551 -0.69 -1.09 23.18
C GLU A 551 0.32 -1.61 22.18
N GLU A 552 1.60 -1.41 22.49
CA GLU A 552 2.69 -1.50 21.52
C GLU A 552 2.88 -2.86 20.83
N PRO A 553 3.03 -4.02 21.51
CA PRO A 553 3.30 -5.25 20.74
C PRO A 553 2.08 -5.77 19.99
N GLU A 554 0.87 -5.59 20.54
CA GLU A 554 -0.32 -6.04 19.84
C GLU A 554 -0.64 -5.15 18.64
N ARG A 555 -0.39 -3.84 18.77
CA ARG A 555 -0.57 -2.94 17.63
C ARG A 555 0.45 -3.25 16.53
N SER A 556 1.69 -3.55 16.91
CA SER A 556 2.69 -3.90 15.90
C SER A 556 2.36 -5.22 15.23
N ARG A 557 1.83 -6.20 15.98
CA ARG A 557 1.44 -7.47 15.37
C ARG A 557 0.24 -7.29 14.43
N ALA A 558 -0.73 -6.46 14.82
CA ALA A 558 -1.91 -6.27 13.99
C ALA A 558 -1.57 -5.53 12.70
N LEU A 559 -0.76 -4.47 12.80
CA LEU A 559 -0.34 -3.77 11.59
C LEU A 559 0.59 -4.63 10.74
N GLY A 560 1.33 -5.54 11.37
CA GLY A 560 2.14 -6.46 10.60
C GLY A 560 1.32 -7.45 9.79
N VAL A 561 0.27 -8.00 10.39
CA VAL A 561 -0.60 -8.92 9.65
C VAL A 561 -1.39 -8.18 8.57
N ALA A 562 -1.76 -6.92 8.83
CA ALA A 562 -2.44 -6.10 7.83
C ALA A 562 -1.54 -5.85 6.62
N LEU A 563 -0.29 -5.41 6.86
CA LEU A 563 0.62 -5.19 5.76
C LEU A 563 1.05 -6.49 5.09
N ALA A 564 0.99 -7.62 5.82
CA ALA A 564 1.26 -8.92 5.21
C ALA A 564 0.18 -9.30 4.21
N PHE A 565 -1.10 -9.08 4.55
CA PHE A 565 -2.15 -9.35 3.58
C PHE A 565 -2.14 -8.36 2.41
N ILE A 566 -1.79 -7.10 2.69
CA ILE A 566 -1.61 -6.11 1.62
C ILE A 566 -0.52 -6.54 0.65
N SER A 567 0.59 -7.03 1.19
CA SER A 567 1.69 -7.48 0.35
C SER A 567 1.33 -8.75 -0.40
N PHE A 568 0.55 -9.65 0.23
CA PHE A 568 0.06 -10.86 -0.43
C PHE A 568 -0.75 -10.50 -1.66
N GLY A 569 -1.72 -9.62 -1.50
CA GLY A 569 -2.48 -9.08 -2.62
C GLY A 569 -1.60 -8.49 -3.70
N SER A 570 -0.88 -7.42 -3.36
CA SER A 570 -0.13 -6.66 -4.36
C SER A 570 1.07 -7.40 -4.95
N LEU A 571 1.46 -8.56 -4.41
CA LEU A 571 2.64 -9.23 -4.92
C LEU A 571 2.48 -10.70 -5.28
N VAL A 572 1.30 -11.30 -5.11
CA VAL A 572 1.04 -12.58 -5.73
C VAL A 572 -0.33 -12.64 -6.41
N ALA A 573 -1.21 -11.67 -6.17
CA ALA A 573 -2.51 -11.63 -6.82
C ALA A 573 -2.51 -11.38 -8.33
N PRO A 574 -1.65 -10.53 -8.93
CA PRO A 574 -1.71 -10.37 -10.41
C PRO A 574 -1.33 -11.59 -11.23
N PRO A 575 -0.36 -12.46 -10.84
CA PRO A 575 -0.19 -13.68 -11.66
C PRO A 575 -1.38 -14.62 -11.62
N PHE A 576 -1.90 -14.92 -10.43
CA PHE A 576 -3.05 -15.80 -10.33
C PHE A 576 -4.36 -15.12 -10.70
N GLY A 577 -4.34 -13.83 -11.02
CA GLY A 577 -5.47 -13.19 -11.66
C GLY A 577 -5.35 -13.25 -13.16
N GLY A 578 -4.12 -13.09 -13.67
CA GLY A 578 -3.92 -13.16 -15.11
C GLY A 578 -4.07 -14.56 -15.68
N ILE A 579 -3.72 -15.58 -14.89
CA ILE A 579 -3.88 -16.97 -15.32
C ILE A 579 -5.36 -17.29 -15.55
N LEU A 580 -6.22 -16.92 -14.60
CA LEU A 580 -7.65 -17.07 -14.80
C LEU A 580 -8.23 -16.01 -15.73
N TYR A 581 -7.48 -14.95 -16.04
CA TYR A 581 -7.92 -14.02 -17.08
C TYR A 581 -7.74 -14.61 -18.47
N GLU A 582 -6.73 -15.47 -18.66
CA GLU A 582 -6.36 -15.92 -20.00
C GLU A 582 -7.46 -16.76 -20.66
N PHE A 583 -8.00 -17.73 -19.94
CA PHE A 583 -8.90 -18.70 -20.55
C PHE A 583 -10.38 -18.46 -20.23
N ALA A 584 -10.72 -17.31 -19.67
CA ALA A 584 -12.12 -17.06 -19.37
C ALA A 584 -12.64 -15.75 -19.90
N GLY A 585 -11.83 -14.69 -19.90
CA GLY A 585 -12.32 -13.37 -20.24
C GLY A 585 -12.30 -12.47 -19.02
N LYS A 586 -13.14 -11.43 -19.01
CA LYS A 586 -13.19 -10.52 -17.88
C LYS A 586 -14.57 -10.31 -17.30
N ARG A 587 -15.64 -10.76 -17.96
CA ARG A 587 -16.97 -10.46 -17.48
C ARG A 587 -17.37 -11.32 -16.29
N VAL A 588 -16.89 -12.56 -16.25
CA VAL A 588 -17.18 -13.47 -15.14
C VAL A 588 -16.35 -13.20 -13.87
N PRO A 589 -15.00 -13.19 -13.88
CA PRO A 589 -14.30 -13.24 -12.59
C PRO A 589 -14.33 -11.93 -11.84
N PHE A 590 -14.49 -10.80 -12.53
CA PHE A 590 -14.62 -9.53 -11.82
C PHE A 590 -15.96 -9.42 -11.13
N LEU A 591 -17.03 -9.97 -11.73
CA LEU A 591 -18.31 -10.00 -11.04
C LEU A 591 -18.28 -10.97 -9.86
N VAL A 592 -17.58 -12.09 -10.01
CA VAL A 592 -17.45 -13.02 -8.88
C VAL A 592 -16.65 -12.40 -7.75
N LEU A 593 -15.58 -11.67 -8.08
CA LEU A 593 -14.75 -11.04 -7.06
C LEU A 593 -15.46 -9.85 -6.41
N ALA A 594 -16.28 -9.13 -7.17
CA ALA A 594 -17.09 -8.06 -6.58
C ALA A 594 -18.15 -8.63 -5.66
N ALA A 595 -18.71 -9.80 -6.00
CA ALA A 595 -19.61 -10.48 -5.08
C ALA A 595 -18.89 -10.95 -3.83
N VAL A 596 -17.62 -11.33 -3.95
CA VAL A 596 -16.82 -11.67 -2.76
C VAL A 596 -16.61 -10.44 -1.88
N SER A 597 -16.32 -9.29 -2.50
CA SER A 597 -16.12 -8.06 -1.74
C SER A 597 -17.41 -7.59 -1.07
N LEU A 598 -18.55 -7.75 -1.75
CA LEU A 598 -19.82 -7.43 -1.13
C LEU A 598 -20.19 -8.43 -0.04
N PHE A 599 -19.79 -9.69 -0.18
CA PHE A 599 -19.98 -10.67 0.88
C PHE A 599 -19.19 -10.29 2.13
N ASP A 600 -17.97 -9.81 1.95
CA ASP A 600 -17.17 -9.32 3.07
C ASP A 600 -17.79 -8.08 3.70
N ALA A 601 -18.33 -7.17 2.88
CA ALA A 601 -18.96 -5.97 3.41
C ALA A 601 -20.24 -6.31 4.18
N LEU A 602 -21.00 -7.29 3.71
CA LEU A 602 -22.20 -7.70 4.43
C LEU A 602 -21.85 -8.45 5.72
N LEU A 603 -20.73 -9.18 5.74
CA LEU A 603 -20.30 -9.79 6.99
C LEU A 603 -19.85 -8.73 8.00
N LEU A 604 -19.20 -7.66 7.50
CA LEU A 604 -18.84 -6.55 8.37
C LEU A 604 -20.08 -5.85 8.93
N LEU A 605 -21.11 -5.70 8.10
CA LEU A 605 -22.39 -5.17 8.59
C LEU A 605 -23.05 -6.11 9.58
N ALA A 606 -22.88 -7.42 9.40
CA ALA A 606 -23.56 -8.38 10.25
C ALA A 606 -22.89 -8.57 11.60
N VAL A 607 -21.60 -8.28 11.74
CA VAL A 607 -20.94 -8.46 13.01
C VAL A 607 -20.54 -7.15 13.69
N ALA A 608 -20.28 -6.08 12.95
CA ALA A 608 -19.87 -4.84 13.62
C ALA A 608 -21.04 -4.12 14.27
N LYS A 609 -22.23 -4.24 13.68
CA LYS A 609 -23.51 -3.67 14.12
C LYS A 609 -23.47 -2.16 14.39
N PRO A 610 -23.34 -1.29 13.38
CA PRO A 610 -23.52 0.11 13.72
C PRO A 610 -24.99 0.48 13.91
N PRO A 622 -15.27 11.90 20.59
CA PRO A 622 -14.39 13.05 20.83
C PRO A 622 -14.09 13.84 19.57
N VAL A 623 -13.64 15.07 19.73
CA VAL A 623 -13.21 15.90 18.61
C VAL A 623 -11.69 15.84 18.52
N GLY A 624 -11.18 15.53 17.33
CA GLY A 624 -9.78 15.28 17.14
C GLY A 624 -8.95 16.52 16.82
N THR A 625 -7.79 16.28 16.21
CA THR A 625 -6.80 17.27 15.84
C THR A 625 -6.86 17.52 14.34
N PRO A 626 -6.87 18.78 13.90
CA PRO A 626 -6.94 19.06 12.46
C PRO A 626 -5.66 18.68 11.73
N ILE A 627 -5.73 18.73 10.40
CA ILE A 627 -4.65 18.28 9.54
C ILE A 627 -3.80 19.44 9.01
N HIS A 628 -4.35 20.66 8.93
CA HIS A 628 -3.61 21.78 8.38
C HIS A 628 -2.50 22.28 9.31
N ARG A 629 -2.45 21.79 10.54
CA ARG A 629 -1.31 22.00 11.43
C ARG A 629 -0.29 20.89 11.33
N LEU A 630 -0.71 19.69 10.92
CA LEU A 630 0.16 18.51 10.92
C LEU A 630 1.28 18.59 9.90
N MET A 631 1.17 19.44 8.88
CA MET A 631 2.32 19.68 8.01
C MET A 631 3.38 20.51 8.71
N LEU A 632 3.00 21.31 9.70
CA LEU A 632 3.96 22.02 10.51
C LEU A 632 4.44 21.17 11.69
N ASP A 633 3.82 20.02 11.91
CA ASP A 633 4.26 19.02 12.87
C ASP A 633 5.41 18.23 12.25
N PRO A 634 6.64 18.36 12.76
CA PRO A 634 7.81 17.96 11.96
C PRO A 634 8.00 16.46 11.81
N TYR A 635 7.78 15.67 12.87
CA TYR A 635 8.09 14.25 12.78
C TYR A 635 7.03 13.48 12.00
N ILE A 636 5.79 13.98 11.99
CA ILE A 636 4.78 13.51 11.04
C ILE A 636 5.28 13.69 9.60
N ALA A 637 5.88 14.86 9.32
CA ALA A 637 6.42 15.11 8.00
C ALA A 637 7.61 14.22 7.68
N VAL A 638 8.41 13.87 8.70
CA VAL A 638 9.54 12.95 8.50
C VAL A 638 9.03 11.58 8.12
N VAL A 639 8.01 11.08 8.83
CA VAL A 639 7.44 9.78 8.49
C VAL A 639 6.75 9.81 7.13
N ALA A 640 6.15 10.95 6.76
CA ALA A 640 5.51 11.08 5.45
C ALA A 640 6.54 11.03 4.33
N GLY A 641 7.65 11.75 4.48
CA GLY A 641 8.70 11.68 3.49
C GLY A 641 9.35 10.33 3.41
N ALA A 642 9.45 9.62 4.54
CA ALA A 642 10.02 8.29 4.53
C ALA A 642 9.09 7.30 3.84
N LEU A 643 7.78 7.45 4.00
CA LEU A 643 6.84 6.60 3.27
C LEU A 643 6.87 6.89 1.77
N THR A 644 7.03 8.16 1.38
CA THR A 644 7.11 8.50 -0.03
C THR A 644 8.38 7.94 -0.67
N THR A 645 9.53 8.12 -0.02
CA THR A 645 10.78 7.60 -0.54
C THR A 645 10.82 6.06 -0.47
N CYS A 646 10.09 5.46 0.47
CA CYS A 646 9.97 4.01 0.50
C CYS A 646 9.11 3.49 -0.64
N ASN A 647 8.06 4.22 -1.01
CA ASN A 647 7.13 3.75 -2.02
C ASN A 647 7.53 4.14 -3.43
N ILE A 648 8.53 5.01 -3.57
CA ILE A 648 8.97 5.46 -4.90
C ILE A 648 9.55 4.37 -5.84
N PRO A 649 10.18 3.25 -5.40
CA PRO A 649 10.66 2.32 -6.43
C PRO A 649 9.55 1.50 -7.07
N LEU A 650 8.53 1.12 -6.32
CA LEU A 650 7.43 0.38 -6.92
C LEU A 650 6.53 1.28 -7.77
N ALA A 651 6.65 2.59 -7.63
CA ALA A 651 5.96 3.49 -8.55
C ALA A 651 6.79 3.75 -9.79
N PHE A 652 8.13 3.73 -9.68
CA PHE A 652 8.98 3.97 -10.83
C PHE A 652 9.67 2.73 -11.37
N LEU A 653 9.13 1.54 -11.10
CA LEU A 653 9.65 0.34 -11.74
C LEU A 653 8.59 -0.60 -12.30
N GLU A 654 7.35 -0.53 -11.85
CA GLU A 654 6.35 -1.50 -12.30
C GLU A 654 5.86 -1.23 -13.74
N PRO A 655 5.65 0.04 -14.21
CA PRO A 655 5.40 0.21 -15.65
C PRO A 655 6.67 0.39 -16.46
N THR A 656 7.80 0.03 -15.88
CA THR A 656 9.10 0.33 -16.48
C THR A 656 9.93 -0.91 -16.78
N ILE A 657 9.96 -1.88 -15.85
CA ILE A 657 10.84 -3.04 -16.00
C ILE A 657 10.36 -3.99 -17.10
N ALA A 658 9.11 -3.86 -17.54
CA ALA A 658 8.55 -4.79 -18.52
C ALA A 658 9.19 -4.62 -19.89
N THR A 659 9.40 -3.39 -20.33
CA THR A 659 10.10 -3.16 -21.59
C THR A 659 11.59 -3.47 -21.45
N TRP A 660 12.13 -3.30 -20.25
CA TRP A 660 13.52 -3.63 -20.00
C TRP A 660 13.75 -5.14 -19.96
N MET A 661 12.70 -5.93 -19.77
CA MET A 661 12.80 -7.37 -20.02
C MET A 661 13.07 -7.65 -21.49
N LYS A 662 12.26 -7.06 -22.38
CA LYS A 662 12.40 -7.35 -23.80
C LYS A 662 13.66 -6.74 -24.39
N HIS A 663 14.14 -5.63 -23.83
CA HIS A 663 15.28 -4.93 -24.42
C HIS A 663 16.59 -5.67 -24.15
N THR A 664 16.79 -6.15 -22.93
CA THR A 664 18.07 -6.74 -22.53
C THR A 664 17.93 -8.19 -22.10
N MET A 665 16.96 -8.50 -21.25
CA MET A 665 16.79 -9.82 -20.66
C MET A 665 16.32 -10.82 -21.72
N ALA A 666 16.47 -12.11 -21.42
CA ALA A 666 15.92 -13.15 -22.29
C ALA A 666 14.40 -13.08 -22.36
N ALA A 667 13.76 -12.79 -21.22
CA ALA A 667 12.34 -12.42 -21.10
C ALA A 667 11.41 -13.53 -21.61
N SER A 668 11.44 -14.65 -20.91
CA SER A 668 10.43 -15.69 -21.12
C SER A 668 9.13 -15.28 -20.46
N GLU A 669 8.02 -15.72 -21.07
CA GLU A 669 6.70 -15.19 -20.70
C GLU A 669 6.26 -15.67 -19.32
N TRP A 670 6.54 -16.94 -19.00
CA TRP A 670 6.29 -17.46 -17.65
C TRP A 670 7.06 -16.68 -16.59
N GLU A 671 8.24 -16.17 -16.95
CA GLU A 671 9.07 -15.47 -16.01
C GLU A 671 9.02 -13.96 -16.20
N MET A 672 8.35 -13.48 -17.24
CA MET A 672 8.04 -12.06 -17.32
C MET A 672 6.76 -11.72 -16.58
N GLY A 673 5.74 -12.57 -16.69
CA GLY A 673 4.49 -12.31 -16.00
C GLY A 673 4.56 -12.58 -14.52
N MET A 674 5.31 -13.61 -14.12
CA MET A 674 5.44 -14.00 -12.72
C MET A 674 6.76 -13.56 -12.12
N ALA A 675 7.25 -12.38 -12.50
CA ALA A 675 8.50 -11.89 -11.92
C ALA A 675 8.31 -11.36 -10.51
N TRP A 676 7.14 -10.85 -10.19
CA TRP A 676 6.87 -10.30 -8.87
C TRP A 676 6.38 -11.34 -7.88
N LEU A 677 6.15 -12.56 -8.31
CA LEU A 677 5.75 -13.64 -7.41
C LEU A 677 6.84 -14.07 -6.40
N PRO A 678 8.13 -14.20 -6.74
CA PRO A 678 9.09 -14.62 -5.69
C PRO A 678 9.41 -13.54 -4.67
N ALA A 679 8.93 -12.30 -4.82
CA ALA A 679 9.23 -11.24 -3.89
C ALA A 679 8.22 -11.13 -2.75
N PHE A 680 7.57 -12.24 -2.40
CA PHE A 680 6.57 -12.27 -1.33
C PHE A 680 7.11 -12.83 -0.02
N VAL A 681 7.84 -13.93 -0.08
CA VAL A 681 8.43 -14.58 1.11
C VAL A 681 9.47 -13.69 1.80
N PRO A 682 10.35 -12.93 1.10
CA PRO A 682 11.16 -11.95 1.84
C PRO A 682 10.36 -10.82 2.47
N HIS A 683 9.17 -10.48 1.94
CA HIS A 683 8.37 -9.45 2.58
C HIS A 683 7.80 -9.93 3.90
N VAL A 684 7.33 -11.19 3.94
CA VAL A 684 6.82 -11.76 5.19
C VAL A 684 7.95 -12.00 6.18
N LEU A 685 9.13 -12.39 5.68
CA LEU A 685 10.30 -12.51 6.55
C LEU A 685 10.69 -11.16 7.14
N GLY A 686 10.57 -10.10 6.35
CA GLY A 686 10.87 -8.77 6.85
C GLY A 686 9.85 -8.27 7.85
N VAL A 687 8.57 -8.60 7.64
CA VAL A 687 7.58 -8.12 8.60
C VAL A 687 7.68 -8.91 9.90
N TYR A 688 8.09 -10.18 9.84
CA TYR A 688 8.26 -10.94 11.08
C TYR A 688 9.49 -10.45 11.84
N LEU A 689 10.57 -10.14 11.13
CA LEU A 689 11.75 -9.56 11.76
C LEU A 689 11.45 -8.21 12.39
N THR A 690 10.64 -7.38 11.71
CA THR A 690 10.37 -6.05 12.22
C THR A 690 9.45 -6.09 13.43
N VAL A 691 8.46 -6.99 13.43
CA VAL A 691 7.60 -7.13 14.61
C VAL A 691 8.38 -7.71 15.78
N ARG A 692 9.29 -8.66 15.52
CA ARG A 692 10.07 -9.25 16.60
C ARG A 692 11.08 -8.26 17.18
N LEU A 693 11.69 -7.44 16.33
CA LEU A 693 12.60 -6.40 16.83
C LEU A 693 11.87 -5.19 17.38
N ALA A 694 10.58 -5.04 17.10
CA ALA A 694 9.78 -4.02 17.75
C ALA A 694 9.23 -4.48 19.10
N ALA A 695 9.12 -5.80 19.29
CA ALA A 695 8.66 -6.30 20.58
C ALA A 695 9.79 -6.36 21.60
N ARG A 696 10.90 -7.01 21.24
CA ARG A 696 12.02 -7.14 22.17
C ARG A 696 12.81 -5.85 22.36
N TYR A 697 12.62 -4.86 21.49
CA TYR A 697 13.39 -3.63 21.58
C TYR A 697 12.51 -2.43 21.29
N PRO A 698 12.25 -1.56 22.27
CA PRO A 698 11.41 -0.38 22.03
C PRO A 698 12.17 0.80 21.43
N HIS A 699 13.46 0.67 21.17
CA HIS A 699 14.27 1.75 20.63
C HIS A 699 14.76 1.47 19.22
N LEU A 700 14.51 0.29 18.67
CA LEU A 700 15.07 -0.11 17.39
C LEU A 700 14.03 -0.12 16.27
N GLN A 701 12.97 0.69 16.40
CA GLN A 701 12.07 0.91 15.28
C GLN A 701 12.75 1.72 14.19
N TRP A 702 13.28 2.89 14.55
CA TRP A 702 13.82 3.82 13.58
C TRP A 702 15.16 3.36 13.02
N LEU A 703 15.95 2.62 13.81
CA LEU A 703 17.25 2.14 13.33
C LEU A 703 17.07 1.06 12.28
N TYR A 704 16.17 0.10 12.52
CA TYR A 704 15.88 -0.88 11.48
C TYR A 704 15.01 -0.30 10.37
N GLY A 705 14.34 0.81 10.60
CA GLY A 705 13.70 1.52 9.49
C GLY A 705 14.71 2.19 8.57
N ALA A 706 15.76 2.77 9.15
CA ALA A 706 16.85 3.30 8.34
C ALA A 706 17.63 2.18 7.65
N LEU A 707 17.74 1.02 8.31
CA LEU A 707 18.23 -0.17 7.62
C LEU A 707 17.32 -0.57 6.47
N GLY A 708 16.00 -0.39 6.63
CA GLY A 708 15.08 -0.64 5.54
C GLY A 708 15.28 0.30 4.37
N LEU A 709 15.47 1.59 4.64
CA LEU A 709 15.81 2.53 3.56
C LEU A 709 17.16 2.20 2.92
N ALA A 710 18.12 1.71 3.71
CA ALA A 710 19.41 1.33 3.14
C ALA A 710 19.28 0.10 2.24
N VAL A 711 18.44 -0.86 2.62
CA VAL A 711 18.23 -2.03 1.79
C VAL A 711 17.44 -1.67 0.54
N ILE A 712 16.51 -0.71 0.63
CA ILE A 712 15.81 -0.22 -0.55
C ILE A 712 16.78 0.49 -1.49
N GLY A 713 17.69 1.31 -0.95
CA GLY A 713 18.67 1.98 -1.79
C GLY A 713 19.65 1.03 -2.46
N ALA A 714 20.14 0.03 -1.71
CA ALA A 714 21.03 -0.96 -2.30
C ALA A 714 20.32 -1.81 -3.34
N SER A 715 19.07 -2.18 -3.07
CA SER A 715 18.28 -2.98 -4.01
C SER A 715 17.91 -2.18 -5.25
N SER A 716 17.88 -0.86 -5.16
CA SER A 716 17.75 -0.06 -6.37
C SER A 716 19.09 0.05 -7.10
N CYS A 717 20.20 0.12 -6.38
CA CYS A 717 21.49 0.28 -7.04
C CYS A 717 22.00 -1.00 -7.70
N ILE A 718 21.51 -2.18 -7.29
CA ILE A 718 21.95 -3.43 -7.90
C ILE A 718 21.42 -3.57 -9.32
N VAL A 719 20.22 -3.04 -9.58
CA VAL A 719 19.42 -3.16 -10.81
C VAL A 719 20.17 -3.03 -12.14
N PRO A 720 21.11 -2.08 -12.35
CA PRO A 720 21.84 -2.12 -13.63
C PRO A 720 22.81 -3.28 -13.77
N ALA A 721 23.32 -3.81 -12.66
CA ALA A 721 24.34 -4.86 -12.75
C ALA A 721 23.76 -6.20 -13.14
N CYS A 722 22.45 -6.39 -13.02
CA CYS A 722 21.84 -7.66 -13.35
C CYS A 722 21.78 -7.83 -14.87
N ARG A 723 22.30 -8.96 -15.34
CA ARG A 723 22.25 -9.34 -16.75
C ARG A 723 21.30 -10.49 -17.01
N SER A 724 21.24 -11.47 -16.11
CA SER A 724 20.33 -12.59 -16.23
C SER A 724 19.19 -12.43 -15.22
N PHE A 725 18.34 -13.46 -15.13
CA PHE A 725 17.02 -13.30 -14.54
C PHE A 725 17.06 -13.35 -13.00
N ALA A 726 17.63 -14.40 -12.44
CA ALA A 726 17.66 -14.62 -10.99
C ALA A 726 18.36 -13.54 -10.16
N PRO A 727 19.45 -12.88 -10.60
CA PRO A 727 19.91 -11.70 -9.84
C PRO A 727 18.91 -10.56 -9.82
N LEU A 728 18.15 -10.35 -10.90
CA LEU A 728 17.10 -9.35 -10.87
C LEU A 728 15.98 -9.77 -9.92
N VAL A 729 15.72 -11.08 -9.85
CA VAL A 729 14.72 -11.60 -8.91
C VAL A 729 15.14 -11.32 -7.47
N VAL A 730 16.41 -11.59 -7.14
CA VAL A 730 16.84 -11.39 -5.76
C VAL A 730 16.98 -9.90 -5.44
N SER A 731 17.22 -9.04 -6.45
CA SER A 731 17.21 -7.60 -6.21
C SER A 731 15.81 -7.10 -5.89
N LEU A 732 14.80 -7.60 -6.61
CA LEU A 732 13.42 -7.24 -6.30
C LEU A 732 12.99 -7.79 -4.93
N CYS A 733 13.50 -8.97 -4.57
CA CYS A 733 13.24 -9.53 -3.25
C CYS A 733 13.83 -8.66 -2.15
N GLY A 734 15.05 -8.14 -2.37
CA GLY A 734 15.63 -7.20 -1.42
C GLY A 734 14.84 -5.91 -1.32
N LEU A 735 14.29 -5.43 -2.44
CA LEU A 735 13.51 -4.20 -2.42
C LEU A 735 12.21 -4.38 -1.63
N CYS A 736 11.54 -5.53 -1.82
CA CYS A 736 10.32 -5.78 -1.04
C CYS A 736 10.63 -6.04 0.43
N PHE A 737 11.78 -6.67 0.72
CA PHE A 737 12.24 -6.80 2.11
C PHE A 737 12.41 -5.44 2.76
N GLY A 738 13.00 -4.49 2.02
CA GLY A 738 13.18 -3.15 2.54
C GLY A 738 11.87 -2.40 2.78
N ILE A 739 10.92 -2.52 1.85
CA ILE A 739 9.66 -1.79 2.06
C ILE A 739 8.86 -2.43 3.20
N ALA A 740 9.01 -3.73 3.43
CA ALA A 740 8.38 -4.38 4.58
C ALA A 740 8.93 -3.82 5.88
N LEU A 741 10.27 -3.74 5.97
CA LEU A 741 10.93 -3.15 7.15
C LEU A 741 10.47 -1.72 7.40
N VAL A 742 10.38 -0.90 6.34
CA VAL A 742 10.08 0.51 6.54
C VAL A 742 8.63 0.72 6.95
N ASP A 743 7.69 0.03 6.27
CA ASP A 743 6.27 0.21 6.59
C ASP A 743 5.94 -0.31 7.98
N THR A 744 6.45 -1.50 8.32
CA THR A 744 6.14 -2.05 9.64
C THR A 744 6.88 -1.33 10.75
N ALA A 745 8.00 -0.68 10.46
CA ALA A 745 8.67 0.08 11.50
C ALA A 745 8.13 1.49 11.65
N LEU A 746 7.43 2.03 10.64
CA LEU A 746 6.99 3.41 10.74
C LEU A 746 5.50 3.63 10.94
N LEU A 747 4.64 2.66 10.62
CA LEU A 747 3.22 2.94 10.91
C LEU A 747 2.87 2.83 12.40
N PRO A 748 3.38 1.86 13.18
CA PRO A 748 3.21 1.98 14.65
C PRO A 748 3.90 3.18 15.25
N THR A 749 5.02 3.62 14.69
CA THR A 749 5.66 4.86 15.15
C THR A 749 4.76 6.06 14.86
N LEU A 750 4.04 6.03 13.75
CA LEU A 750 3.14 7.11 13.39
C LEU A 750 1.94 7.18 14.34
N ALA A 751 1.31 6.03 14.61
CA ALA A 751 0.21 5.99 15.57
C ALA A 751 0.68 6.29 16.99
N PHE A 752 1.91 5.87 17.33
CA PHE A 752 2.50 6.22 18.62
C PHE A 752 2.69 7.72 18.76
N LEU A 753 3.11 8.38 17.69
CA LEU A 753 3.29 9.83 17.73
C LEU A 753 1.96 10.56 17.86
N VAL A 754 0.91 10.02 17.25
CA VAL A 754 -0.42 10.60 17.44
C VAL A 754 -0.89 10.41 18.89
N ASP A 755 -0.64 9.23 19.45
CA ASP A 755 -1.01 8.95 20.84
C ASP A 755 -0.24 9.83 21.83
N VAL A 756 1.01 10.18 21.50
CA VAL A 756 1.80 11.01 22.40
C VAL A 756 1.40 12.47 22.29
N ARG A 757 1.42 13.03 21.09
CA ARG A 757 1.33 14.48 21.00
C ARG A 757 -0.08 15.02 20.86
N HIS A 758 -0.98 14.29 20.19
CA HIS A 758 -2.28 14.88 19.88
C HIS A 758 -3.43 14.03 20.38
N VAL A 759 -4.66 14.38 19.96
CA VAL A 759 -5.84 13.65 20.36
C VAL A 759 -5.81 12.26 19.73
N SER A 760 -6.21 11.24 20.51
CA SER A 760 -6.15 9.87 20.04
C SER A 760 -7.23 9.57 19.01
N VAL A 761 -7.10 10.13 17.81
CA VAL A 761 -7.91 9.78 16.66
C VAL A 761 -6.96 9.40 15.54
N TYR A 762 -7.47 8.70 14.55
CA TYR A 762 -6.60 8.12 13.52
C TYR A 762 -7.10 8.42 12.13
N GLY A 763 -7.77 9.54 11.95
CA GLY A 763 -8.27 9.87 10.63
C GLY A 763 -7.26 10.52 9.72
N SER A 764 -6.77 11.70 10.12
CA SER A 764 -6.00 12.53 9.20
C SER A 764 -4.54 12.11 9.07
N VAL A 765 -4.01 11.34 10.01
CA VAL A 765 -2.59 11.05 9.98
C VAL A 765 -2.29 9.85 9.08
N TYR A 766 -3.12 8.81 9.12
CA TYR A 766 -3.05 7.81 8.06
C TYR A 766 -3.53 8.37 6.73
N ALA A 767 -4.31 9.45 6.73
CA ALA A 767 -4.56 10.16 5.48
C ALA A 767 -3.29 10.83 4.96
N ILE A 768 -2.43 11.35 5.85
CA ILE A 768 -1.12 11.84 5.43
C ILE A 768 -0.26 10.70 4.89
N ALA A 769 -0.38 9.52 5.50
CA ALA A 769 0.30 8.33 4.99
C ALA A 769 -0.18 7.96 3.59
N ASP A 770 -1.50 8.04 3.37
CA ASP A 770 -2.04 7.70 2.05
C ASP A 770 -1.69 8.76 1.02
N ILE A 771 -1.57 10.03 1.45
CA ILE A 771 -1.01 11.08 0.59
C ILE A 771 0.43 10.74 0.20
N SER A 772 1.20 10.21 1.16
CA SER A 772 2.58 9.82 0.89
C SER A 772 2.68 8.65 -0.07
N TYR A 773 1.69 7.76 -0.08
CA TYR A 773 1.57 6.79 -1.16
C TYR A 773 1.22 7.43 -2.50
N SER A 774 0.18 8.25 -2.52
CA SER A 774 -0.39 8.78 -3.75
C SER A 774 0.52 9.74 -4.50
N VAL A 775 1.42 10.44 -3.80
CA VAL A 775 2.37 11.32 -4.50
C VAL A 775 3.30 10.50 -5.38
N ALA A 776 3.84 9.41 -4.84
CA ALA A 776 4.73 8.54 -5.61
C ALA A 776 3.95 7.83 -6.73
N TYR A 777 2.79 7.26 -6.42
CA TYR A 777 2.04 6.57 -7.46
C TYR A 777 1.38 7.52 -8.46
N ALA A 778 1.38 8.83 -8.19
CA ALA A 778 0.94 9.81 -9.19
C ALA A 778 2.09 10.26 -10.08
N LEU A 779 3.26 10.49 -9.50
CA LEU A 779 4.40 10.87 -10.32
C LEU A 779 5.00 9.69 -11.09
N GLY A 780 4.62 8.46 -10.75
CA GLY A 780 5.21 7.30 -11.38
C GLY A 780 4.93 7.06 -12.86
N PRO A 781 3.70 6.71 -13.22
CA PRO A 781 3.47 6.14 -14.57
C PRO A 781 3.60 7.12 -15.72
N ILE A 782 3.31 8.40 -15.52
CA ILE A 782 3.52 9.37 -16.60
C ILE A 782 5.00 9.63 -16.78
N VAL A 783 5.70 9.94 -15.69
CA VAL A 783 7.03 10.53 -15.79
C VAL A 783 8.10 9.46 -16.02
N ALA A 784 7.85 8.23 -15.59
CA ALA A 784 8.86 7.18 -15.64
C ALA A 784 9.21 6.79 -17.08
N GLY A 785 8.20 6.65 -17.94
CA GLY A 785 8.47 6.30 -19.33
C GLY A 785 9.19 7.38 -20.08
N HIS A 786 8.88 8.65 -19.79
CA HIS A 786 9.58 9.75 -20.45
C HIS A 786 11.01 9.86 -19.96
N ILE A 787 11.27 9.58 -18.68
CA ILE A 787 12.64 9.62 -18.17
C ILE A 787 13.47 8.49 -18.78
N VAL A 788 12.90 7.29 -18.86
CA VAL A 788 13.63 6.16 -19.44
C VAL A 788 13.88 6.37 -20.94
N HIS A 789 12.87 6.86 -21.66
CA HIS A 789 13.05 7.10 -23.09
C HIS A 789 13.96 8.28 -23.37
N SER A 790 14.10 9.21 -22.43
CA SER A 790 15.00 10.35 -22.63
C SER A 790 16.39 10.08 -22.07
N LEU A 791 16.47 9.79 -20.77
CA LEU A 791 17.75 9.75 -20.07
C LEU A 791 18.41 8.38 -20.17
N GLY A 792 17.71 7.34 -19.73
CA GLY A 792 18.24 6.00 -19.67
C GLY A 792 17.76 5.32 -18.39
N PHE A 793 17.80 3.99 -18.40
CA PHE A 793 17.26 3.24 -17.27
C PHE A 793 18.28 3.08 -16.14
N GLU A 794 19.57 2.92 -16.50
CA GLU A 794 20.61 2.85 -15.48
C GLU A 794 20.71 4.15 -14.71
N GLN A 795 20.55 5.28 -15.40
CA GLN A 795 20.64 6.58 -14.76
C GLN A 795 19.46 6.82 -13.82
N LEU A 796 18.25 6.40 -14.24
CA LEU A 796 17.07 6.50 -13.39
C LEU A 796 17.20 5.62 -12.15
N SER A 797 17.71 4.39 -12.33
CA SER A 797 17.88 3.49 -11.20
C SER A 797 18.93 3.99 -10.22
N LEU A 798 20.03 4.55 -10.72
CA LEU A 798 21.03 5.12 -9.83
C LEU A 798 20.50 6.37 -9.12
N GLY A 799 19.72 7.21 -9.81
CA GLY A 799 19.13 8.36 -9.16
C GLY A 799 18.11 7.98 -8.10
N MET A 800 17.38 6.91 -8.34
CA MET A 800 16.43 6.41 -7.34
C MET A 800 17.14 5.84 -6.11
N GLY A 801 18.20 5.06 -6.34
CA GLY A 801 18.97 4.53 -5.22
C GLY A 801 19.67 5.62 -4.43
N LEU A 802 20.16 6.66 -5.10
CA LEU A 802 20.76 7.78 -4.40
C LEU A 802 19.70 8.61 -3.68
N ALA A 803 18.47 8.69 -4.19
CA ALA A 803 17.42 9.39 -3.46
C ALA A 803 17.06 8.65 -2.18
N ASN A 804 16.99 7.33 -2.24
CA ASN A 804 16.80 6.51 -1.03
C ASN A 804 17.93 6.71 -0.03
N LEU A 805 19.18 6.54 -0.49
CA LEU A 805 20.31 6.59 0.43
C LEU A 805 20.65 8.01 0.89
N LEU A 806 20.14 9.04 0.23
CA LEU A 806 20.29 10.40 0.73
C LEU A 806 19.11 10.86 1.56
N TYR A 807 17.98 10.14 1.52
CA TYR A 807 16.98 10.34 2.57
C TYR A 807 17.27 9.46 3.78
N ALA A 808 18.14 8.47 3.63
CA ALA A 808 18.58 7.68 4.78
C ALA A 808 19.22 8.46 5.94
N PRO A 809 19.96 9.56 5.76
CA PRO A 809 20.35 10.35 6.93
C PRO A 809 19.29 11.34 7.43
N VAL A 810 18.04 11.24 6.97
CA VAL A 810 17.00 12.08 7.56
C VAL A 810 16.45 11.43 8.81
N LEU A 811 16.53 10.10 8.92
CA LEU A 811 16.12 9.40 10.12
C LEU A 811 17.17 9.44 11.24
N LEU A 812 18.16 10.33 11.15
CA LEU A 812 19.05 10.60 12.28
C LEU A 812 18.31 11.24 13.45
N LEU A 813 17.22 11.96 13.16
CA LEU A 813 16.55 12.75 14.18
C LEU A 813 15.73 11.91 15.14
N LEU A 814 15.41 10.67 14.79
CA LEU A 814 14.51 9.86 15.61
C LEU A 814 15.23 9.12 16.73
N ARG A 815 16.04 9.83 17.51
CA ARG A 815 16.57 9.31 18.76
C ARG A 815 15.91 9.95 19.97
N ASN A 816 14.78 10.64 19.77
CA ASN A 816 14.11 11.39 20.82
C ASN A 816 12.61 11.10 20.86
N VAL A 817 12.20 9.88 20.53
CA VAL A 817 10.79 9.52 20.52
C VAL A 817 10.44 8.62 21.69
N GLY A 818 11.26 7.60 21.95
CA GLY A 818 11.05 6.71 23.09
C GLY A 818 11.23 7.35 24.44
N LEU A 819 11.86 8.53 24.50
CA LEU A 819 11.95 9.29 25.75
C LEU A 819 10.59 9.81 26.19
N LEU A 820 9.71 10.09 25.24
CA LEU A 820 8.39 10.65 25.55
C LEU A 820 7.49 9.62 26.22
N1 ACH B . 2.77 -1.83 -0.79
C2 ACH B . 1.35 -1.66 -1.22
C3 ACH B . 0.87 -0.19 -1.08
O4 ACH B . 0.67 0.33 -2.38
C5 ACH B . -0.56 -0.06 -2.96
O7 ACH B . -1.58 0.16 -2.40
C6 ACH B . -0.57 -0.77 -4.34
C8 ACH B . 3.17 -3.25 -0.90
C9 ACH B . 2.84 -1.48 0.65
C10 ACH B . 3.61 -1.09 -1.76
#